data_4URE
#
_entry.id   4URE
#
_cell.length_a   121.500
_cell.length_b   55.100
_cell.length_c   86.300
_cell.angle_alpha   90.00
_cell.angle_beta   134.40
_cell.angle_gamma   90.00
#
_symmetry.space_group_name_H-M   'C 1 2 1'
#
loop_
_entity.id
_entity.type
_entity.pdbx_description
1 polymer 'CYCLOHEXANOL DEHYDROGENASE'
2 non-polymer 'SULFATE ION'
3 non-polymer 'MAGNESIUM ION'
4 non-polymer 3-PYRIDINIUM-1-YLPROPANE-1-SULFONATE
5 non-polymer 'ACETATE ION'
6 water water
#
_entity_poly.entity_id   1
_entity_poly.type   'polypeptide(L)'
_entity_poly.pdbx_seq_one_letter_code
;MLLEGKTALVTGAGNGIGRTIALTYAAEGANVVVSDISDEWGRETLALIEGKGGKAVFQHADTAHPEDHDELIAAAKRAF
GRLDIACNNAGISGEFTPTAETTDAQWQRVIGINLSGVFYGVRAQIRAMLETGGGAIVNISSIAGQIGIEGITPYTAAKH
GVVGLTKTVAWEYGSKGIRINSVGPAFINTTLVQNVPLETRRQLEQMHALRRLGETEEVANLVAWLSSDKASFVTGSYYA
VDGGYLAR
;
_entity_poly.pdbx_strand_id   A,B
#
loop_
_chem_comp.id
_chem_comp.type
_chem_comp.name
_chem_comp.formula
1PS non-polymer 3-PYRIDINIUM-1-YLPROPANE-1-SULFONATE 'C8 H11 N O3 S'
ACT non-polymer 'ACETATE ION' 'C2 H3 O2 -1'
MG non-polymer 'MAGNESIUM ION' 'Mg 2'
SO4 non-polymer 'SULFATE ION' 'O4 S -2'
#
# COMPACT_ATOMS: atom_id res chain seq x y z
N MET A 1 -3.24 -18.45 0.76
CA MET A 1 -2.32 -17.96 1.77
C MET A 1 -1.26 -17.10 1.15
N LEU A 2 -0.96 -16.01 1.84
CA LEU A 2 0.00 -15.08 1.38
C LEU A 2 1.43 -15.45 1.69
N LEU A 3 1.65 -16.22 2.78
CA LEU A 3 2.97 -16.28 3.38
C LEU A 3 3.36 -17.73 3.64
N GLU A 4 2.82 -18.66 2.82
CA GLU A 4 3.05 -20.07 3.09
C GLU A 4 4.54 -20.42 3.11
N GLY A 5 4.98 -21.07 4.17
CA GLY A 5 6.38 -21.50 4.23
C GLY A 5 7.38 -20.42 4.68
N LYS A 6 6.92 -19.19 4.94
N LYS A 6 6.87 -19.22 4.99
CA LYS A 6 7.87 -18.16 5.34
CA LYS A 6 7.72 -18.11 5.40
C LYS A 6 7.90 -18.00 6.85
C LYS A 6 7.93 -18.11 6.90
N THR A 7 9.07 -17.59 7.35
CA THR A 7 9.31 -17.35 8.80
C THR A 7 9.30 -15.85 9.04
N ALA A 8 8.48 -15.43 9.98
CA ALA A 8 8.29 -14.03 10.31
C ALA A 8 8.51 -13.77 11.77
N LEU A 9 9.20 -12.67 12.09
CA LEU A 9 9.30 -12.12 13.50
C LEU A 9 8.40 -10.92 13.67
N VAL A 10 7.74 -10.81 14.79
CA VAL A 10 6.97 -9.62 15.17
C VAL A 10 7.37 -9.20 16.57
N THR A 11 7.69 -7.90 16.69
CA THR A 11 8.00 -7.28 17.97
C THR A 11 6.78 -6.59 18.54
N GLY A 12 6.75 -6.37 19.84
CA GLY A 12 5.53 -5.81 20.46
C GLY A 12 4.26 -6.60 20.15
N ALA A 13 4.42 -7.91 20.10
CA ALA A 13 3.34 -8.80 19.66
C ALA A 13 2.41 -9.30 20.79
N GLY A 14 2.61 -8.82 22.02
CA GLY A 14 1.79 -9.30 23.12
C GLY A 14 0.43 -8.63 23.20
N ASN A 15 0.26 -7.52 22.46
CA ASN A 15 -0.97 -6.77 22.49
C ASN A 15 -1.21 -5.99 21.19
N GLY A 16 -2.45 -5.54 21.04
CA GLY A 16 -2.81 -4.52 20.10
C GLY A 16 -2.55 -4.91 18.66
N ILE A 17 -2.04 -3.95 17.91
CA ILE A 17 -1.74 -4.16 16.50
C ILE A 17 -0.67 -5.26 16.34
N GLY A 18 0.34 -5.33 17.20
CA GLY A 18 1.34 -6.36 17.06
C GLY A 18 0.78 -7.77 17.25
N ARG A 19 -0.11 -7.96 18.19
CA ARG A 19 -0.72 -9.27 18.39
C ARG A 19 -1.46 -9.68 17.09
N THR A 20 -2.20 -8.75 16.49
CA THR A 20 -3.03 -9.06 15.31
C THR A 20 -2.14 -9.35 14.14
N ILE A 21 -1.06 -8.62 14.02
CA ILE A 21 -0.08 -8.90 13.03
C ILE A 21 0.46 -10.30 13.15
N ALA A 22 0.85 -10.67 14.37
CA ALA A 22 1.28 -12.05 14.56
C ALA A 22 0.24 -13.11 14.17
N LEU A 23 -0.98 -12.94 14.65
CA LEU A 23 -2.05 -13.90 14.34
C LEU A 23 -2.30 -13.98 12.81
N THR A 24 -2.23 -12.82 12.13
CA THR A 24 -2.45 -12.77 10.71
C THR A 24 -1.33 -13.39 9.96
N TYR A 25 -0.09 -13.08 10.32
CA TYR A 25 1.04 -13.78 9.72
C TYR A 25 0.81 -15.35 9.79
N ALA A 26 0.47 -15.86 10.98
CA ALA A 26 0.28 -17.30 11.14
C ALA A 26 -0.91 -17.82 10.32
N ALA A 27 -2.02 -17.07 10.27
CA ALA A 27 -3.15 -17.43 9.41
C ALA A 27 -2.83 -17.48 7.93
N GLU A 28 -1.82 -16.71 7.52
CA GLU A 28 -1.35 -16.65 6.15
C GLU A 28 -0.28 -17.68 5.87
N GLY A 29 -0.04 -18.55 6.87
CA GLY A 29 0.84 -19.67 6.68
C GLY A 29 2.29 -19.53 7.13
N ALA A 30 2.65 -18.38 7.71
CA ALA A 30 3.98 -18.12 8.22
C ALA A 30 4.22 -18.84 9.54
N ASN A 31 5.47 -19.26 9.73
CA ASN A 31 5.94 -19.63 11.08
C ASN A 31 6.28 -18.34 11.76
N VAL A 32 5.85 -18.17 13.00
CA VAL A 32 6.04 -16.88 13.71
C VAL A 32 6.88 -16.97 14.97
N VAL A 33 7.85 -16.05 15.04
CA VAL A 33 8.63 -15.75 16.28
C VAL A 33 7.96 -14.54 16.89
N VAL A 34 7.15 -14.83 17.88
CA VAL A 34 6.44 -13.81 18.68
C VAL A 34 7.41 -13.19 19.66
N SER A 35 7.49 -11.87 19.72
CA SER A 35 8.30 -11.22 20.72
C SER A 35 7.54 -10.07 21.41
N ASP A 36 7.80 -9.94 22.70
CA ASP A 36 7.31 -8.85 23.48
C ASP A 36 8.26 -8.72 24.72
N ILE A 37 8.19 -7.58 25.32
CA ILE A 37 8.90 -7.33 26.57
C ILE A 37 8.13 -8.01 27.73
N SER A 38 6.81 -8.16 27.60
CA SER A 38 6.01 -9.00 28.46
C SER A 38 5.92 -10.45 28.04
N ASP A 39 6.59 -11.33 28.80
CA ASP A 39 6.46 -12.79 28.63
C ASP A 39 5.02 -13.32 28.73
N GLU A 40 4.24 -12.77 29.65
CA GLU A 40 2.88 -13.22 29.87
C GLU A 40 2.05 -12.94 28.57
N TRP A 41 2.11 -11.69 28.09
CA TRP A 41 1.32 -11.30 26.92
C TRP A 41 1.82 -11.95 25.70
N GLY A 42 3.14 -11.98 25.56
CA GLY A 42 3.80 -12.73 24.48
C GLY A 42 3.43 -14.21 24.39
N ARG A 43 3.44 -14.91 25.53
N ARG A 43 3.42 -14.91 25.53
CA ARG A 43 3.08 -16.29 25.54
CA ARG A 43 3.03 -16.31 25.57
C ARG A 43 1.60 -16.50 25.23
C ARG A 43 1.57 -16.51 25.25
N GLU A 44 0.72 -15.58 25.66
CA GLU A 44 -0.66 -15.65 25.29
C GLU A 44 -0.82 -15.52 23.75
N THR A 45 -0.09 -14.62 23.12
CA THR A 45 -0.17 -14.52 21.67
C THR A 45 0.25 -15.81 21.02
N LEU A 46 1.35 -16.41 21.50
CA LEU A 46 1.81 -17.70 21.03
C LEU A 46 0.72 -18.76 21.19
N ALA A 47 0.02 -18.79 22.32
CA ALA A 47 -0.99 -19.78 22.55
C ALA A 47 -2.16 -19.58 21.56
N LEU A 48 -2.51 -18.32 21.31
CA LEU A 48 -3.51 -18.00 20.30
C LEU A 48 -3.16 -18.61 18.95
N ILE A 49 -1.94 -18.39 18.51
CA ILE A 49 -1.45 -18.96 17.27
C ILE A 49 -1.52 -20.48 17.22
N GLU A 50 -1.04 -21.13 18.30
CA GLU A 50 -0.96 -22.61 18.35
C GLU A 50 -2.35 -23.25 18.45
N GLY A 51 -3.27 -22.58 19.08
CA GLY A 51 -4.61 -23.03 19.21
C GLY A 51 -5.37 -23.04 17.91
N LYS A 52 -4.86 -22.31 16.91
CA LYS A 52 -5.50 -22.27 15.58
C LYS A 52 -4.67 -23.10 14.60
N GLY A 53 -3.77 -23.93 15.14
CA GLY A 53 -2.93 -24.84 14.32
C GLY A 53 -1.71 -24.20 13.66
N GLY A 54 -1.38 -22.98 14.04
CA GLY A 54 -0.16 -22.35 13.57
C GLY A 54 1.11 -22.77 14.28
N LYS A 55 2.22 -22.42 13.62
CA LYS A 55 3.55 -22.80 14.09
C LYS A 55 4.26 -21.51 14.55
N ALA A 56 4.63 -21.46 15.83
CA ALA A 56 5.27 -20.33 16.40
C ALA A 56 6.11 -20.67 17.67
N VAL A 57 6.97 -19.71 18.07
CA VAL A 57 7.71 -19.77 19.33
C VAL A 57 7.63 -18.38 19.88
N PHE A 58 7.90 -18.28 21.18
CA PHE A 58 7.99 -17.02 21.88
C PHE A 58 9.43 -16.76 22.28
N GLN A 59 9.91 -15.53 22.06
CA GLN A 59 11.20 -15.12 22.56
C GLN A 59 11.06 -13.73 23.16
N HIS A 60 11.41 -13.60 24.42
CA HIS A 60 11.46 -12.32 25.11
C HIS A 60 12.46 -11.37 24.45
N ALA A 61 12.10 -10.08 24.35
CA ALA A 61 13.07 -9.02 24.04
C ALA A 61 12.56 -7.67 24.52
N ASP A 62 13.49 -6.90 25.06
CA ASP A 62 13.35 -5.49 25.24
C ASP A 62 13.97 -4.84 24.00
N THR A 63 13.14 -4.32 23.08
CA THR A 63 13.71 -3.84 21.81
C THR A 63 14.59 -2.61 21.90
N ALA A 64 14.53 -1.93 23.06
CA ALA A 64 15.45 -0.82 23.31
C ALA A 64 16.86 -1.28 23.64
N HIS A 65 17.03 -2.57 23.97
CA HIS A 65 18.36 -3.15 24.25
C HIS A 65 18.91 -3.86 23.02
N PRO A 66 19.96 -3.30 22.38
CA PRO A 66 20.52 -3.95 21.19
C PRO A 66 20.76 -5.44 21.27
N GLU A 67 21.28 -5.89 22.41
N GLU A 67 21.28 -5.93 22.41
CA GLU A 67 21.66 -7.29 22.57
CA GLU A 67 21.66 -7.35 22.53
C GLU A 67 20.45 -8.26 22.43
C GLU A 67 20.44 -8.29 22.44
N ASP A 68 19.29 -7.82 22.89
CA ASP A 68 18.04 -8.64 22.78
C ASP A 68 17.64 -8.98 21.32
N HIS A 69 17.99 -8.12 20.38
CA HIS A 69 17.74 -8.43 19.00
C HIS A 69 18.53 -9.65 18.46
N ASP A 70 19.75 -9.83 18.95
CA ASP A 70 20.55 -10.99 18.51
C ASP A 70 19.87 -12.30 18.93
N GLU A 71 19.31 -12.28 20.14
CA GLU A 71 18.49 -13.42 20.72
C GLU A 71 17.24 -13.70 19.83
N LEU A 72 16.62 -12.63 19.31
CA LEU A 72 15.50 -12.82 18.38
C LEU A 72 15.88 -13.52 17.09
N ILE A 73 16.94 -13.04 16.45
CA ILE A 73 17.46 -13.67 15.28
C ILE A 73 17.78 -15.15 15.58
N ALA A 74 18.45 -15.38 16.71
CA ALA A 74 18.94 -16.71 17.09
C ALA A 74 17.77 -17.65 17.18
N ALA A 75 16.66 -17.14 17.75
CA ALA A 75 15.43 -17.93 17.94
C ALA A 75 14.79 -18.33 16.62
N ALA A 76 14.71 -17.37 15.73
CA ALA A 76 14.25 -17.64 14.37
C ALA A 76 15.02 -18.72 13.65
N LYS A 77 16.35 -18.62 13.63
CA LYS A 77 17.20 -19.59 12.97
C LYS A 77 17.09 -20.96 13.64
N ARG A 78 17.04 -20.96 14.97
CA ARG A 78 17.01 -22.21 15.72
C ARG A 78 15.69 -22.94 15.53
N ALA A 79 14.56 -22.23 15.65
CA ALA A 79 13.23 -22.84 15.50
C ALA A 79 12.89 -23.20 14.06
N PHE A 80 13.23 -22.31 13.13
CA PHE A 80 12.74 -22.35 11.73
C PHE A 80 13.77 -22.24 10.62
N GLY A 81 15.02 -22.06 10.96
CA GLY A 81 16.13 -22.14 9.97
C GLY A 81 16.52 -20.84 9.28
N ARG A 82 15.61 -19.84 9.22
CA ARG A 82 15.85 -18.62 8.47
C ARG A 82 14.81 -17.59 8.91
N LEU A 83 15.13 -16.31 8.64
CA LEU A 83 14.22 -15.20 8.79
C LEU A 83 13.88 -14.64 7.41
N ASP A 84 12.60 -14.76 7.06
CA ASP A 84 12.13 -14.18 5.80
C ASP A 84 11.51 -12.81 5.93
N ILE A 85 10.87 -12.60 7.07
CA ILE A 85 10.00 -11.46 7.30
C ILE A 85 10.23 -10.91 8.69
N ALA A 86 10.30 -9.58 8.83
CA ALA A 86 10.29 -8.99 10.15
C ALA A 86 9.41 -7.76 10.22
N CYS A 87 8.61 -7.70 11.26
CA CYS A 87 7.80 -6.52 11.63
C CYS A 87 8.19 -5.86 12.94
N ASN A 88 8.70 -4.62 12.80
CA ASN A 88 9.13 -3.81 13.96
C ASN A 88 7.96 -2.98 14.41
N ASN A 89 7.20 -3.49 15.36
CA ASN A 89 5.98 -2.86 15.80
C ASN A 89 6.29 -2.31 17.19
N ALA A 90 5.86 -1.15 17.54
CA ALA A 90 6.41 -0.75 18.93
C ALA A 90 5.57 -0.05 19.91
N GLY A 91 6.15 0.98 20.51
CA GLY A 91 5.66 1.43 21.73
C GLY A 91 4.49 2.31 21.47
N ILE A 92 4.17 3.01 22.52
CA ILE A 92 3.01 3.80 22.52
C ILE A 92 3.59 5.17 22.47
N SER A 93 2.63 6.07 22.45
CA SER A 93 2.75 7.46 22.36
C SER A 93 3.46 8.05 23.58
N GLY A 94 3.22 7.49 24.77
CA GLY A 94 3.51 8.22 26.00
C GLY A 94 2.32 9.10 26.39
N GLU A 95 2.52 9.91 27.42
CA GLU A 95 1.49 10.82 27.88
C GLU A 95 1.51 12.08 27.05
N PHE A 96 0.32 12.64 26.86
CA PHE A 96 0.24 13.87 26.11
C PHE A 96 0.76 15.02 26.98
N THR A 97 1.87 15.64 26.53
CA THR A 97 2.56 16.66 27.34
C THR A 97 3.12 17.76 26.36
N PRO A 98 2.76 19.03 26.57
CA PRO A 98 3.41 20.03 25.67
C PRO A 98 4.91 19.99 25.68
N THR A 99 5.51 20.41 24.57
CA THR A 99 6.95 20.27 24.44
C THR A 99 7.71 20.95 25.60
N ALA A 100 7.28 22.16 26.00
CA ALA A 100 8.04 22.88 27.03
C ALA A 100 8.00 22.17 28.37
N GLU A 101 7.02 21.31 28.55
CA GLU A 101 6.83 20.55 29.80
C GLU A 101 7.31 19.12 29.67
N THR A 102 7.78 18.72 28.48
CA THR A 102 8.20 17.29 28.31
C THR A 102 9.56 17.07 28.98
N THR A 103 9.72 15.98 29.76
CA THR A 103 10.94 15.80 30.53
C THR A 103 11.93 15.00 29.70
N ASP A 104 13.19 15.01 30.14
CA ASP A 104 14.23 14.22 29.56
C ASP A 104 13.79 12.73 29.53
N ALA A 105 13.18 12.24 30.61
CA ALA A 105 12.87 10.81 30.65
C ALA A 105 11.78 10.49 29.59
N GLN A 106 10.80 11.38 29.40
CA GLN A 106 9.77 11.11 28.42
C GLN A 106 10.38 11.09 27.05
N TRP A 107 11.24 12.07 26.74
CA TRP A 107 11.82 12.14 25.40
C TRP A 107 12.67 10.86 25.22
N GLN A 108 13.46 10.50 26.21
CA GLN A 108 14.43 9.42 26.05
C GLN A 108 13.71 8.07 25.91
N ARG A 109 12.63 7.88 26.65
CA ARG A 109 11.97 6.59 26.67
C ARG A 109 11.28 6.33 25.34
N VAL A 110 10.62 7.38 24.83
CA VAL A 110 9.83 7.25 23.57
C VAL A 110 10.76 7.10 22.40
N ILE A 111 11.78 7.94 22.35
CA ILE A 111 12.83 7.75 21.35
C ILE A 111 13.52 6.36 21.38
N GLY A 112 13.79 5.87 22.60
CA GLY A 112 14.40 4.58 22.82
C GLY A 112 13.61 3.46 22.23
N ILE A 113 12.33 3.43 22.55
CA ILE A 113 11.51 2.32 22.11
C ILE A 113 11.09 2.47 20.60
N ASN A 114 10.63 3.63 20.21
CA ASN A 114 9.96 3.81 18.94
C ASN A 114 10.90 4.15 17.81
N LEU A 115 12.07 4.60 18.13
CA LEU A 115 13.07 4.84 17.10
C LEU A 115 14.34 4.00 17.22
N SER A 116 15.09 4.13 18.34
CA SER A 116 16.26 3.32 18.50
C SER A 116 15.96 1.82 18.45
N GLY A 117 14.86 1.41 19.07
CA GLY A 117 14.50 -0.02 19.04
C GLY A 117 14.22 -0.53 17.65
N VAL A 118 13.66 0.33 16.82
CA VAL A 118 13.45 -0.01 15.37
C VAL A 118 14.78 -0.12 14.63
N PHE A 119 15.71 0.81 14.85
CA PHE A 119 17.04 0.75 14.22
C PHE A 119 17.77 -0.55 14.64
N TYR A 120 17.77 -0.82 15.96
CA TYR A 120 18.46 -2.02 16.42
C TYR A 120 17.89 -3.29 15.80
N GLY A 121 16.56 -3.37 15.72
CA GLY A 121 15.90 -4.51 15.05
C GLY A 121 16.27 -4.62 13.60
N VAL A 122 16.07 -3.51 12.89
CA VAL A 122 16.37 -3.47 11.45
C VAL A 122 17.82 -3.88 11.22
N ARG A 123 18.75 -3.39 12.05
CA ARG A 123 20.16 -3.73 11.84
C ARG A 123 20.36 -5.27 11.95
N ALA A 124 19.77 -5.87 12.98
CA ALA A 124 19.91 -7.36 13.22
C ALA A 124 19.22 -8.15 12.11
N GLN A 125 18.07 -7.67 11.68
CA GLN A 125 17.26 -8.34 10.66
C GLN A 125 17.96 -8.36 9.30
N ILE A 126 18.49 -7.23 8.87
CA ILE A 126 19.26 -7.17 7.68
C ILE A 126 20.34 -8.24 7.67
N ARG A 127 21.16 -8.24 8.73
N ARG A 127 21.16 -8.28 8.71
CA ARG A 127 22.23 -9.20 8.84
CA ARG A 127 22.27 -9.21 8.74
C ARG A 127 21.69 -10.61 8.60
C ARG A 127 21.81 -10.69 8.76
N ALA A 128 20.63 -10.95 9.31
CA ALA A 128 20.03 -12.31 9.17
C ALA A 128 19.53 -12.62 7.73
N MET A 129 18.97 -11.65 7.07
CA MET A 129 18.28 -11.90 5.82
C MET A 129 19.30 -12.01 4.72
N LEU A 130 20.39 -11.30 4.90
CA LEU A 130 21.46 -11.35 3.92
C LEU A 130 22.08 -12.76 3.82
N GLU A 131 22.01 -13.51 4.89
CA GLU A 131 22.49 -14.90 4.91
C GLU A 131 21.61 -15.88 4.15
N THR A 132 20.30 -15.62 4.09
CA THR A 132 19.43 -16.58 3.43
C THR A 132 18.68 -15.98 2.24
N GLY A 133 19.29 -14.98 1.56
CA GLY A 133 18.83 -14.52 0.23
C GLY A 133 17.84 -13.35 0.21
N GLY A 134 17.74 -12.66 1.33
CA GLY A 134 16.95 -11.43 1.46
C GLY A 134 15.68 -11.64 2.26
N GLY A 135 14.72 -10.71 2.11
CA GLY A 135 13.45 -10.84 2.76
C GLY A 135 12.80 -9.50 2.81
N ALA A 136 11.84 -9.41 3.70
CA ALA A 136 10.96 -8.23 3.75
C ALA A 136 10.81 -7.75 5.20
N ILE A 137 10.95 -6.43 5.40
CA ILE A 137 10.82 -5.85 6.73
C ILE A 137 9.71 -4.81 6.64
N VAL A 138 8.81 -4.84 7.61
CA VAL A 138 7.85 -3.77 7.74
C VAL A 138 8.02 -3.07 9.09
N ASN A 139 8.11 -1.74 9.06
CA ASN A 139 8.25 -0.91 10.25
C ASN A 139 6.90 -0.27 10.50
N ILE A 140 6.33 -0.39 11.68
CA ILE A 140 5.10 0.28 11.99
C ILE A 140 5.46 1.73 12.40
N SER A 141 5.17 2.68 11.52
CA SER A 141 5.30 4.09 11.84
C SER A 141 3.94 4.54 12.41
N SER A 142 3.39 5.61 11.84
CA SER A 142 2.09 6.19 12.31
C SER A 142 1.71 7.30 11.33
N ILE A 143 0.49 7.83 11.41
CA ILE A 143 0.20 9.14 10.83
C ILE A 143 1.17 10.17 11.40
N ALA A 144 1.68 9.98 12.64
CA ALA A 144 2.64 10.88 13.31
C ALA A 144 4.00 10.83 12.67
N GLY A 145 4.21 9.90 11.73
CA GLY A 145 5.38 9.96 10.86
C GLY A 145 5.27 10.93 9.68
N GLN A 146 4.12 11.53 9.46
CA GLN A 146 3.81 12.45 8.37
C GLN A 146 3.25 13.79 8.83
N ILE A 147 2.50 13.80 9.92
CA ILE A 147 2.00 15.00 10.50
C ILE A 147 2.35 15.07 11.97
N GLY A 148 2.04 16.24 12.58
CA GLY A 148 2.27 16.38 13.97
C GLY A 148 0.98 16.21 14.76
N ILE A 149 1.12 15.70 15.97
CA ILE A 149 0.00 15.55 16.90
C ILE A 149 0.42 16.24 18.18
N GLU A 150 -0.32 17.26 18.59
CA GLU A 150 0.03 18.02 19.82
C GLU A 150 0.13 17.05 20.99
N GLY A 151 1.07 17.37 21.85
CA GLY A 151 1.31 16.66 23.05
C GLY A 151 2.28 15.51 22.97
N ILE A 152 2.57 15.05 21.76
CA ILE A 152 3.48 13.90 21.60
C ILE A 152 4.64 14.21 20.64
N THR A 153 5.36 15.29 20.94
CA THR A 153 6.59 15.64 20.23
C THR A 153 7.55 14.43 20.13
N PRO A 154 7.79 13.72 21.28
CA PRO A 154 8.74 12.61 21.15
C PRO A 154 8.26 11.54 20.13
N TYR A 155 7.02 11.16 20.22
CA TYR A 155 6.52 10.13 19.33
C TYR A 155 6.52 10.57 17.84
N THR A 156 6.19 11.84 17.63
CA THR A 156 6.19 12.44 16.29
C THR A 156 7.58 12.39 15.69
N ALA A 157 8.57 12.77 16.50
CA ALA A 157 9.96 12.79 16.03
C ALA A 157 10.29 11.32 15.75
N ALA A 158 10.02 10.43 16.73
CA ALA A 158 10.35 9.01 16.52
C ALA A 158 9.73 8.42 15.27
N LYS A 159 8.44 8.66 15.12
CA LYS A 159 7.70 8.05 13.99
C LYS A 159 8.16 8.62 12.63
N HIS A 160 8.50 9.90 12.58
CA HIS A 160 9.15 10.50 11.39
C HIS A 160 10.48 9.80 11.14
N GLY A 161 11.30 9.63 12.22
CA GLY A 161 12.54 8.97 12.07
C GLY A 161 12.45 7.57 11.48
N VAL A 162 11.41 6.84 11.87
CA VAL A 162 11.18 5.51 11.24
C VAL A 162 10.91 5.57 9.75
N VAL A 163 10.16 6.54 9.33
CA VAL A 163 9.89 6.75 7.91
C VAL A 163 11.22 6.98 7.16
N GLY A 164 12.10 7.79 7.77
CA GLY A 164 13.41 8.11 7.16
C GLY A 164 14.32 6.88 7.05
N LEU A 165 14.46 6.13 8.15
N LEU A 165 14.42 6.18 8.18
CA LEU A 165 15.40 5.00 8.14
CA LEU A 165 15.24 4.99 8.26
C LEU A 165 14.90 3.93 7.16
C LEU A 165 14.92 4.09 7.08
N THR A 166 13.61 3.89 6.88
CA THR A 166 13.09 2.97 5.86
C THR A 166 13.65 3.28 4.48
N LYS A 167 13.70 4.55 4.15
CA LYS A 167 14.21 5.06 2.89
C LYS A 167 15.63 4.72 2.64
N THR A 168 16.50 4.97 3.62
N THR A 168 16.45 4.94 3.68
CA THR A 168 17.92 4.71 3.39
CA THR A 168 17.87 4.70 3.53
C THR A 168 18.21 3.19 3.34
C THR A 168 18.11 3.23 3.29
N VAL A 169 17.56 2.40 4.17
CA VAL A 169 17.76 0.93 4.15
C VAL A 169 17.31 0.31 2.84
N ALA A 170 16.27 0.83 2.29
CA ALA A 170 15.77 0.34 1.02
C ALA A 170 16.79 0.49 -0.08
N TRP A 171 17.54 1.61 -0.12
CA TRP A 171 18.51 1.86 -1.11
C TRP A 171 19.76 1.08 -0.78
N GLU A 172 20.14 1.00 0.48
CA GLU A 172 21.35 0.24 0.84
C GLU A 172 21.26 -1.22 0.52
N TYR A 173 20.05 -1.78 0.58
CA TYR A 173 19.92 -3.25 0.49
C TYR A 173 18.97 -3.80 -0.59
N GLY A 174 18.46 -2.94 -1.43
CA GLY A 174 17.57 -3.30 -2.51
C GLY A 174 18.20 -4.25 -3.49
N SER A 175 19.50 -4.04 -3.76
N SER A 175 19.50 -4.05 -3.71
CA SER A 175 20.27 -4.90 -4.68
CA SER A 175 20.23 -4.83 -4.70
C SER A 175 20.30 -6.33 -4.17
C SER A 175 20.63 -6.20 -4.14
N LYS A 176 20.33 -6.43 -2.85
CA LYS A 176 20.51 -7.70 -2.17
C LYS A 176 19.19 -8.35 -1.71
N GLY A 177 18.11 -7.91 -2.30
CA GLY A 177 16.81 -8.60 -2.10
C GLY A 177 16.09 -8.32 -0.82
N ILE A 178 16.45 -7.24 -0.12
CA ILE A 178 15.71 -6.88 1.08
C ILE A 178 14.79 -5.74 0.67
N ARG A 179 13.50 -5.97 0.90
CA ARG A 179 12.50 -4.88 0.82
C ARG A 179 12.23 -4.39 2.26
N ILE A 180 11.95 -3.10 2.34
CA ILE A 180 11.63 -2.47 3.61
C ILE A 180 10.64 -1.35 3.37
N ASN A 181 9.56 -1.35 4.18
CA ASN A 181 8.49 -0.37 4.06
C ASN A 181 8.00 0.02 5.42
N SER A 182 7.38 1.17 5.49
CA SER A 182 6.70 1.61 6.70
C SER A 182 5.23 1.67 6.48
N VAL A 183 4.48 1.40 7.53
CA VAL A 183 3.03 1.43 7.56
C VAL A 183 2.57 2.54 8.54
N GLY A 184 1.60 3.32 8.13
CA GLY A 184 1.15 4.47 8.93
C GLY A 184 -0.28 4.38 9.41
N PRO A 185 -0.50 3.66 10.52
CA PRO A 185 -1.88 3.64 11.00
C PRO A 185 -2.29 4.99 11.54
N ALA A 186 -3.55 5.30 11.39
CA ALA A 186 -4.21 6.40 12.16
C ALA A 186 -4.71 5.83 13.49
N PHE A 187 -5.77 6.42 14.01
CA PHE A 187 -6.28 5.92 15.29
C PHE A 187 -7.05 4.60 15.15
N ILE A 188 -6.53 3.60 15.86
CA ILE A 188 -6.99 2.21 15.76
C ILE A 188 -7.62 1.80 17.06
N ASN A 189 -8.64 0.96 16.98
CA ASN A 189 -9.46 0.52 18.14
C ASN A 189 -8.71 -0.51 18.93
N THR A 190 -7.82 0.00 19.78
CA THR A 190 -7.00 -0.76 20.76
C THR A 190 -7.27 -0.22 22.18
N THR A 191 -6.66 -0.85 23.16
CA THR A 191 -6.93 -0.56 24.60
C THR A 191 -6.98 0.93 24.97
N LEU A 192 -5.92 1.66 24.63
CA LEU A 192 -5.79 3.04 25.08
C LEU A 192 -6.93 3.89 24.56
N VAL A 193 -7.19 3.79 23.26
CA VAL A 193 -8.30 4.58 22.67
C VAL A 193 -9.69 4.05 23.11
N GLN A 194 -9.80 2.77 23.45
CA GLN A 194 -11.05 2.25 24.04
C GLN A 194 -11.41 2.82 25.39
N ASN A 195 -10.44 3.36 26.11
CA ASN A 195 -10.70 3.82 27.46
C ASN A 195 -11.08 5.29 27.53
N VAL A 196 -10.90 6.03 26.42
CA VAL A 196 -11.32 7.43 26.40
C VAL A 196 -12.84 7.57 26.15
N PRO A 197 -13.39 8.76 26.53
CA PRO A 197 -14.80 9.14 26.44
C PRO A 197 -15.45 9.13 25.04
N LEU A 198 -16.74 8.78 24.96
CA LEU A 198 -17.41 8.74 23.61
C LEU A 198 -17.17 10.06 22.81
N GLU A 199 -17.25 11.19 23.52
CA GLU A 199 -17.01 12.52 22.93
C GLU A 199 -15.63 12.67 22.29
N THR A 200 -14.59 12.23 23.00
CA THR A 200 -13.22 12.24 22.50
C THR A 200 -12.99 11.26 21.34
N ARG A 201 -13.65 10.12 21.42
CA ARG A 201 -13.56 9.13 20.40
C ARG A 201 -14.26 9.64 19.11
N ARG A 202 -15.41 10.32 19.26
CA ARG A 202 -16.13 10.92 18.15
C ARG A 202 -15.25 11.95 17.53
N GLN A 203 -14.52 12.70 18.35
CA GLN A 203 -13.59 13.74 17.84
C GLN A 203 -12.51 13.09 17.03
N LEU A 204 -11.91 12.01 17.55
CA LEU A 204 -10.92 11.27 16.76
C LEU A 204 -11.54 10.72 15.47
N GLU A 205 -12.70 10.09 15.59
CA GLU A 205 -13.36 9.50 14.43
C GLU A 205 -13.54 10.51 13.29
N GLN A 206 -13.92 11.75 13.66
CA GLN A 206 -14.19 12.81 12.73
C GLN A 206 -12.91 13.31 11.97
N MET A 207 -11.72 12.90 12.41
CA MET A 207 -10.43 13.26 11.77
C MET A 207 -10.09 12.29 10.65
N HIS A 208 -10.94 11.28 10.50
CA HIS A 208 -10.83 10.28 9.42
C HIS A 208 -11.92 10.48 8.37
N ALA A 209 -11.61 10.29 7.10
CA ALA A 209 -12.57 10.38 6.02
C ALA A 209 -13.66 9.35 6.18
N LEU A 210 -13.29 8.18 6.72
CA LEU A 210 -14.30 7.09 6.90
C LEU A 210 -15.14 7.30 8.14
N ARG A 211 -14.77 8.28 8.98
CA ARG A 211 -15.56 8.72 10.16
C ARG A 211 -15.73 7.60 11.13
N ARG A 212 -14.70 6.76 11.28
CA ARG A 212 -14.61 5.79 12.33
C ARG A 212 -13.13 5.53 12.56
N LEU A 213 -12.80 4.86 13.64
CA LEU A 213 -11.50 4.35 13.91
C LEU A 213 -11.28 3.04 13.17
N GLY A 214 -10.02 2.74 13.00
CA GLY A 214 -9.67 1.51 12.32
C GLY A 214 -9.67 0.33 13.26
N GLU A 215 -9.69 -0.88 12.70
CA GLU A 215 -9.53 -2.11 13.50
C GLU A 215 -8.13 -2.70 13.30
N THR A 216 -7.65 -3.41 14.32
CA THR A 216 -6.31 -3.96 14.22
C THR A 216 -6.14 -4.91 13.00
N GLU A 217 -7.19 -5.63 12.57
CA GLU A 217 -7.10 -6.48 11.39
C GLU A 217 -6.89 -5.69 10.09
N GLU A 218 -7.43 -4.47 10.05
CA GLU A 218 -7.25 -3.60 8.88
C GLU A 218 -5.78 -3.17 8.71
N VAL A 219 -5.08 -3.00 9.84
CA VAL A 219 -3.67 -2.71 9.79
C VAL A 219 -2.93 -3.99 9.42
N ALA A 220 -3.20 -5.07 10.12
CA ALA A 220 -2.48 -6.35 9.88
C ALA A 220 -2.60 -6.83 8.47
N ASN A 221 -3.78 -6.64 7.87
CA ASN A 221 -3.95 -7.10 6.50
C ASN A 221 -2.95 -6.47 5.55
N LEU A 222 -2.74 -5.18 5.75
N LEU A 222 -2.71 -5.19 5.73
CA LEU A 222 -1.73 -4.44 4.97
CA LEU A 222 -1.72 -4.52 4.88
C LEU A 222 -0.34 -4.98 5.21
C LEU A 222 -0.29 -4.92 5.20
N VAL A 223 0.01 -5.11 6.52
CA VAL A 223 1.32 -5.57 6.91
C VAL A 223 1.57 -6.95 6.26
N ALA A 224 0.59 -7.83 6.30
CA ALA A 224 0.75 -9.13 5.70
C ALA A 224 1.00 -9.03 4.20
N TRP A 225 0.24 -8.19 3.49
CA TRP A 225 0.45 -8.01 2.08
C TRP A 225 1.85 -7.53 1.76
N LEU A 226 2.31 -6.48 2.50
CA LEU A 226 3.64 -5.89 2.27
C LEU A 226 4.78 -6.87 2.58
N SER A 227 4.46 -7.86 3.41
CA SER A 227 5.42 -8.89 3.81
C SER A 227 5.48 -10.04 2.82
N SER A 228 4.62 -10.02 1.79
CA SER A 228 4.42 -11.14 0.91
C SER A 228 5.10 -10.91 -0.43
N ASP A 229 5.18 -11.99 -1.19
CA ASP A 229 5.79 -11.96 -2.53
C ASP A 229 4.91 -11.20 -3.53
N LYS A 230 3.63 -10.95 -3.17
CA LYS A 230 2.77 -10.09 -4.00
C LYS A 230 3.31 -8.61 -4.08
N ALA A 231 4.04 -8.21 -3.04
CA ALA A 231 4.63 -6.89 -2.88
C ALA A 231 6.06 -6.75 -3.41
N SER A 232 6.42 -7.60 -4.33
CA SER A 232 7.78 -7.71 -4.70
C SER A 232 8.36 -6.46 -5.37
N PHE A 233 7.55 -5.49 -5.85
CA PHE A 233 8.14 -4.24 -6.34
C PHE A 233 7.95 -3.07 -5.39
N VAL A 234 7.61 -3.38 -4.15
CA VAL A 234 7.30 -2.37 -3.18
C VAL A 234 8.39 -2.28 -2.12
N THR A 235 9.12 -1.12 -2.13
CA THR A 235 10.14 -0.89 -1.12
C THR A 235 10.41 0.61 -1.02
N GLY A 236 10.90 0.98 0.17
CA GLY A 236 11.25 2.37 0.50
C GLY A 236 10.07 3.23 0.73
N SER A 237 8.89 2.62 0.94
CA SER A 237 7.65 3.40 0.85
C SER A 237 6.89 3.42 2.15
N TYR A 238 6.06 4.47 2.30
CA TYR A 238 5.12 4.62 3.39
C TYR A 238 3.73 4.30 2.89
N TYR A 239 3.09 3.38 3.58
N TYR A 239 3.08 3.36 3.57
CA TYR A 239 1.77 2.86 3.26
CA TYR A 239 1.71 2.88 3.26
C TYR A 239 0.87 3.26 4.43
C TYR A 239 0.77 3.18 4.40
N ALA A 240 0.01 4.22 4.19
CA ALA A 240 -0.98 4.62 5.16
C ALA A 240 -2.06 3.55 5.32
N VAL A 241 -2.56 3.48 6.54
N VAL A 241 -2.48 3.38 6.57
CA VAL A 241 -3.78 2.73 6.84
CA VAL A 241 -3.76 2.71 6.89
C VAL A 241 -4.53 3.61 7.81
C VAL A 241 -4.43 3.67 7.85
N ASP A 242 -4.98 4.72 7.24
CA ASP A 242 -5.35 5.89 8.00
C ASP A 242 -6.76 6.40 7.82
N GLY A 243 -7.56 5.65 7.08
CA GLY A 243 -8.92 6.05 6.87
C GLY A 243 -9.10 7.43 6.27
N GLY A 244 -8.07 7.93 5.58
CA GLY A 244 -8.08 9.26 4.97
C GLY A 244 -7.55 10.44 5.83
N TYR A 245 -7.03 10.14 7.01
CA TYR A 245 -6.54 11.17 7.96
C TYR A 245 -5.62 12.22 7.29
N LEU A 246 -4.65 11.73 6.52
CA LEU A 246 -3.62 12.63 5.97
C LEU A 246 -4.12 13.43 4.78
N ALA A 247 -5.26 13.04 4.22
CA ALA A 247 -5.77 13.59 2.99
C ALA A 247 -6.42 14.97 3.10
N ARG A 248 -6.63 15.44 4.33
CA ARG A 248 -7.11 16.81 4.58
C ARG A 248 -6.02 17.62 5.35
N MET B 1 -9.32 -16.00 -3.42
CA MET B 1 -10.05 -15.04 -4.22
C MET B 1 -10.27 -13.77 -3.39
N LEU B 2 -9.56 -12.69 -3.73
CA LEU B 2 -9.84 -11.39 -3.06
C LEU B 2 -11.17 -10.78 -3.43
N LEU B 3 -11.71 -11.08 -4.61
CA LEU B 3 -12.81 -10.27 -5.18
C LEU B 3 -14.06 -11.07 -5.65
N GLU B 4 -14.37 -12.15 -4.94
CA GLU B 4 -15.41 -13.08 -5.40
C GLU B 4 -16.76 -12.38 -5.50
N GLY B 5 -17.36 -12.49 -6.67
CA GLY B 5 -18.66 -11.89 -6.96
C GLY B 5 -18.73 -10.38 -7.21
N LYS B 6 -17.58 -9.71 -7.15
CA LYS B 6 -17.54 -8.29 -7.33
C LYS B 6 -17.58 -8.02 -8.84
N THR B 7 -18.04 -6.85 -9.25
CA THR B 7 -17.96 -6.42 -10.66
C THR B 7 -17.03 -5.23 -10.73
N ALA B 8 -15.99 -5.34 -11.59
CA ALA B 8 -15.02 -4.30 -11.73
C ALA B 8 -14.98 -3.74 -13.17
N LEU B 9 -14.77 -2.41 -13.26
CA LEU B 9 -14.45 -1.71 -14.50
C LEU B 9 -12.97 -1.35 -14.55
N VAL B 10 -12.34 -1.57 -15.67
CA VAL B 10 -10.95 -1.12 -15.85
C VAL B 10 -10.87 -0.29 -17.14
N THR B 11 -10.41 0.96 -17.01
CA THR B 11 -10.14 1.78 -18.18
C THR B 11 -8.72 1.57 -18.64
N GLY B 12 -8.45 1.96 -19.86
CA GLY B 12 -7.12 1.65 -20.42
C GLY B 12 -6.64 0.21 -20.28
N ALA B 13 -7.60 -0.70 -20.42
CA ALA B 13 -7.39 -2.10 -20.18
C ALA B 13 -6.93 -2.90 -21.37
N GLY B 14 -6.71 -2.19 -22.49
CA GLY B 14 -6.26 -2.89 -23.68
C GLY B 14 -4.87 -3.43 -23.72
N ASN B 15 -3.96 -2.86 -22.89
CA ASN B 15 -2.61 -3.38 -22.89
C ASN B 15 -1.90 -2.90 -21.61
N GLY B 16 -0.67 -3.38 -21.46
CA GLY B 16 0.22 -2.97 -20.42
C GLY B 16 -0.43 -3.20 -19.05
N ILE B 17 -0.22 -2.22 -18.17
CA ILE B 17 -0.65 -2.31 -16.78
C ILE B 17 -2.15 -2.55 -16.71
N GLY B 18 -2.92 -1.83 -17.54
CA GLY B 18 -4.36 -1.95 -17.49
C GLY B 18 -4.84 -3.35 -17.90
N ARG B 19 -4.21 -3.96 -18.93
CA ARG B 19 -4.55 -5.35 -19.29
C ARG B 19 -4.32 -6.31 -18.09
N THR B 20 -3.20 -6.18 -17.42
CA THR B 20 -2.87 -7.06 -16.28
C THR B 20 -3.78 -6.85 -15.10
N ILE B 21 -4.10 -5.58 -14.80
CA ILE B 21 -5.08 -5.29 -13.81
C ILE B 21 -6.41 -6.01 -14.09
N ALA B 22 -6.86 -5.92 -15.36
CA ALA B 22 -8.10 -6.57 -15.70
C ALA B 22 -8.03 -8.12 -15.50
N LEU B 23 -6.97 -8.72 -15.97
N LEU B 23 -6.94 -8.71 -15.97
CA LEU B 23 -6.80 -10.15 -15.79
CA LEU B 23 -6.64 -10.14 -15.84
C LEU B 23 -6.74 -10.52 -14.32
C LEU B 23 -6.46 -10.64 -14.40
N THR B 24 -6.01 -9.72 -13.53
CA THR B 24 -5.84 -10.08 -12.13
C THR B 24 -7.13 -9.90 -11.39
N TYR B 25 -7.90 -8.87 -11.73
CA TYR B 25 -9.26 -8.78 -11.21
C TYR B 25 -10.08 -10.07 -11.52
N ALA B 26 -10.09 -10.53 -12.79
CA ALA B 26 -10.82 -11.76 -13.08
C ALA B 26 -10.27 -12.96 -12.32
N ALA B 27 -8.95 -13.08 -12.20
CA ALA B 27 -8.32 -14.20 -11.51
C ALA B 27 -8.70 -14.19 -10.01
N GLU B 28 -9.03 -13.00 -9.47
CA GLU B 28 -9.42 -12.85 -8.08
C GLU B 28 -10.95 -12.95 -7.92
N GLY B 29 -11.59 -13.34 -9.00
CA GLY B 29 -13.01 -13.66 -9.00
C GLY B 29 -14.01 -12.60 -9.42
N ALA B 30 -13.55 -11.42 -9.82
CA ALA B 30 -14.49 -10.37 -10.17
C ALA B 30 -14.97 -10.60 -11.61
N ASN B 31 -16.17 -10.11 -11.89
CA ASN B 31 -16.64 -9.89 -13.27
C ASN B 31 -15.89 -8.64 -13.75
N VAL B 32 -15.50 -8.57 -15.00
CA VAL B 32 -14.73 -7.42 -15.49
C VAL B 32 -15.35 -6.77 -16.72
N VAL B 33 -15.59 -5.44 -16.64
CA VAL B 33 -15.91 -4.63 -17.80
C VAL B 33 -14.56 -4.05 -18.28
N VAL B 34 -14.12 -4.59 -19.38
CA VAL B 34 -12.92 -4.15 -20.07
C VAL B 34 -13.23 -2.93 -20.92
N SER B 35 -12.43 -1.89 -20.72
N SER B 35 -12.44 -1.88 -20.75
CA SER B 35 -12.55 -0.71 -21.57
CA SER B 35 -12.63 -0.66 -21.55
C SER B 35 -11.21 -0.30 -22.14
C SER B 35 -11.30 -0.10 -22.04
N ASP B 36 -11.27 0.39 -23.27
CA ASP B 36 -10.09 0.97 -23.89
C ASP B 36 -10.50 1.82 -25.04
N ILE B 37 -9.71 2.80 -25.38
CA ILE B 37 -9.97 3.54 -26.63
C ILE B 37 -9.81 2.67 -27.87
N SER B 38 -8.94 1.68 -27.82
CA SER B 38 -8.74 0.76 -28.90
C SER B 38 -9.64 -0.46 -28.69
N ASP B 39 -10.60 -0.65 -29.60
CA ASP B 39 -11.49 -1.81 -29.46
C ASP B 39 -10.75 -3.12 -29.68
N GLU B 40 -9.81 -3.14 -30.63
CA GLU B 40 -9.05 -4.35 -30.91
C GLU B 40 -8.32 -4.75 -29.66
N TRP B 41 -7.61 -3.81 -29.04
CA TRP B 41 -6.84 -4.17 -27.82
C TRP B 41 -7.76 -4.60 -26.66
N GLY B 42 -8.84 -3.86 -26.47
CA GLY B 42 -9.85 -4.17 -25.45
C GLY B 42 -10.44 -5.59 -25.67
N ARG B 43 -10.89 -5.88 -26.89
CA ARG B 43 -11.30 -7.24 -27.23
C ARG B 43 -10.26 -8.31 -26.98
N GLU B 44 -8.99 -8.00 -27.17
CA GLU B 44 -7.94 -8.95 -26.83
C GLU B 44 -7.89 -9.23 -25.34
N THR B 45 -7.84 -8.19 -24.53
CA THR B 45 -7.85 -8.44 -23.08
C THR B 45 -9.08 -9.27 -22.67
N LEU B 46 -10.24 -8.95 -23.27
CA LEU B 46 -11.48 -9.73 -23.00
C LEU B 46 -11.22 -11.21 -23.33
N ALA B 47 -10.60 -11.45 -24.50
CA ALA B 47 -10.28 -12.83 -24.96
C ALA B 47 -9.38 -13.59 -24.00
N LEU B 48 -8.35 -12.92 -23.46
CA LEU B 48 -7.48 -13.54 -22.50
C LEU B 48 -8.21 -13.85 -21.21
N ILE B 49 -9.10 -12.93 -20.78
CA ILE B 49 -9.91 -13.21 -19.58
C ILE B 49 -10.81 -14.43 -19.77
N GLU B 50 -11.50 -14.46 -20.92
CA GLU B 50 -12.49 -15.50 -21.17
C GLU B 50 -11.82 -16.86 -21.34
N GLY B 51 -10.60 -16.85 -21.88
CA GLY B 51 -9.81 -18.03 -22.12
C GLY B 51 -9.57 -18.80 -20.83
N LYS B 52 -9.42 -18.06 -19.72
CA LYS B 52 -9.17 -18.65 -18.41
C LYS B 52 -10.45 -18.98 -17.66
N GLY B 53 -11.61 -18.75 -18.26
CA GLY B 53 -12.88 -19.01 -17.60
C GLY B 53 -13.49 -17.81 -16.88
N GLY B 54 -12.86 -16.63 -17.02
CA GLY B 54 -13.38 -15.43 -16.42
C GLY B 54 -14.64 -14.90 -17.07
N LYS B 55 -15.41 -14.13 -16.27
CA LYS B 55 -16.61 -13.46 -16.77
C LYS B 55 -16.28 -11.99 -17.05
N ALA B 56 -16.46 -11.61 -18.30
CA ALA B 56 -16.09 -10.26 -18.73
C ALA B 56 -16.88 -9.84 -19.93
N VAL B 57 -16.98 -8.53 -20.13
CA VAL B 57 -17.43 -7.96 -21.41
C VAL B 57 -16.49 -6.79 -21.76
N PHE B 58 -16.57 -6.36 -23.01
CA PHE B 58 -15.88 -5.20 -23.52
C PHE B 58 -16.86 -4.11 -23.89
N GLN B 59 -16.46 -2.87 -23.61
CA GLN B 59 -17.28 -1.72 -23.97
C GLN B 59 -16.35 -0.62 -24.41
N HIS B 60 -16.48 -0.20 -25.63
CA HIS B 60 -15.64 0.93 -26.08
C HIS B 60 -15.96 2.20 -25.31
N ALA B 61 -14.93 2.97 -24.95
CA ALA B 61 -15.13 4.33 -24.48
C ALA B 61 -13.89 5.12 -24.82
N ASP B 62 -14.10 6.36 -25.28
CA ASP B 62 -13.05 7.38 -25.23
C ASP B 62 -13.18 8.05 -23.87
N THR B 63 -12.27 7.78 -22.94
CA THR B 63 -12.39 8.29 -21.63
C THR B 63 -12.19 9.80 -21.47
N ALA B 64 -11.68 10.43 -22.52
CA ALA B 64 -11.56 11.88 -22.58
C ALA B 64 -12.95 12.51 -22.85
N HIS B 65 -13.91 11.73 -23.36
N HIS B 65 -13.92 11.72 -23.31
CA HIS B 65 -15.29 12.21 -23.61
CA HIS B 65 -15.27 12.19 -23.65
C HIS B 65 -16.14 11.94 -22.39
C HIS B 65 -16.24 11.94 -22.48
N PRO B 66 -16.62 13.00 -21.73
CA PRO B 66 -17.48 12.70 -20.55
C PRO B 66 -18.64 11.72 -20.81
N GLU B 67 -19.31 11.82 -21.97
CA GLU B 67 -20.52 11.06 -22.21
C GLU B 67 -20.22 9.55 -22.34
N ASP B 68 -19.03 9.19 -22.81
CA ASP B 68 -18.74 7.76 -23.00
C ASP B 68 -18.71 6.96 -21.63
N HIS B 69 -18.45 7.68 -20.55
CA HIS B 69 -18.41 7.05 -19.22
C HIS B 69 -19.77 6.50 -18.87
N ASP B 70 -20.80 7.15 -19.36
CA ASP B 70 -22.16 6.63 -19.13
C ASP B 70 -22.35 5.26 -19.78
N GLU B 71 -21.75 5.10 -20.96
CA GLU B 71 -21.84 3.81 -21.67
C GLU B 71 -21.12 2.69 -20.92
N LEU B 72 -20.01 3.02 -20.23
CA LEU B 72 -19.27 2.04 -19.41
C LEU B 72 -20.09 1.59 -18.21
N ILE B 73 -20.70 2.54 -17.51
CA ILE B 73 -21.54 2.23 -16.34
C ILE B 73 -22.68 1.32 -16.83
N ALA B 74 -23.29 1.75 -17.93
CA ALA B 74 -24.43 1.02 -18.44
C ALA B 74 -24.08 -0.42 -18.81
N ALA B 75 -22.90 -0.63 -19.41
CA ALA B 75 -22.40 -1.95 -19.74
C ALA B 75 -22.22 -2.84 -18.48
N ALA B 76 -21.65 -2.26 -17.44
CA ALA B 76 -21.53 -2.96 -16.20
C ALA B 76 -22.92 -3.35 -15.73
N LYS B 77 -23.86 -2.38 -15.75
CA LYS B 77 -25.23 -2.68 -15.25
C LYS B 77 -25.93 -3.74 -16.16
N ARG B 78 -25.72 -3.66 -17.47
CA ARG B 78 -26.38 -4.60 -18.40
C ARG B 78 -25.80 -6.01 -18.27
N ALA B 79 -24.47 -6.14 -18.13
CA ALA B 79 -23.85 -7.48 -18.14
C ALA B 79 -23.87 -8.20 -16.76
N PHE B 80 -23.70 -7.42 -15.70
CA PHE B 80 -23.46 -7.97 -14.37
C PHE B 80 -24.31 -7.38 -13.24
N GLY B 81 -24.99 -6.27 -13.52
CA GLY B 81 -26.08 -5.71 -12.66
C GLY B 81 -25.73 -4.56 -11.75
N ARG B 82 -24.44 -4.27 -11.63
CA ARG B 82 -23.98 -3.23 -10.73
C ARG B 82 -22.50 -3.02 -10.94
N LEU B 83 -21.99 -1.97 -10.31
CA LEU B 83 -20.59 -1.65 -10.30
C LEU B 83 -20.07 -1.60 -8.86
N ASP B 84 -19.12 -2.48 -8.55
CA ASP B 84 -18.47 -2.53 -7.23
C ASP B 84 -17.04 -1.90 -7.15
N ILE B 85 -16.31 -1.96 -8.26
CA ILE B 85 -14.92 -1.58 -8.28
C ILE B 85 -14.69 -0.85 -9.61
N ALA B 86 -13.87 0.22 -9.58
CA ALA B 86 -13.37 0.81 -10.79
C ALA B 86 -11.93 1.16 -10.64
N CYS B 87 -11.19 0.83 -11.70
CA CYS B 87 -9.80 1.25 -11.83
C CYS B 87 -9.68 2.20 -13.03
N ASN B 88 -9.32 3.45 -12.74
CA ASN B 88 -9.04 4.43 -13.82
C ASN B 88 -7.58 4.39 -14.18
N ASN B 89 -7.21 3.58 -15.18
CA ASN B 89 -5.84 3.38 -15.53
C ASN B 89 -5.27 4.35 -16.51
N ALA B 90 -6.06 4.83 -17.41
CA ALA B 90 -5.62 6.06 -18.21
C ALA B 90 -4.46 5.61 -19.03
N GLY B 91 -3.54 6.52 -19.40
CA GLY B 91 -2.66 6.28 -20.54
C GLY B 91 -1.19 6.48 -20.27
N ILE B 92 -0.56 7.09 -21.25
CA ILE B 92 0.89 7.18 -21.35
C ILE B 92 1.27 8.64 -21.39
N SER B 93 2.57 8.84 -21.30
CA SER B 93 3.08 10.17 -21.09
C SER B 93 3.24 10.99 -22.34
N GLY B 94 3.17 10.36 -23.52
CA GLY B 94 3.47 11.08 -24.75
C GLY B 94 4.99 11.25 -24.97
N GLU B 95 5.37 12.05 -25.95
CA GLU B 95 6.82 12.05 -26.36
C GLU B 95 7.51 13.01 -25.45
N PHE B 96 8.75 12.71 -25.10
CA PHE B 96 9.49 13.58 -24.25
C PHE B 96 9.86 14.85 -25.02
N THR B 97 9.40 15.99 -24.46
CA THR B 97 9.52 17.30 -25.08
C THR B 97 9.72 18.36 -23.99
N PRO B 98 10.79 19.16 -24.03
CA PRO B 98 10.95 20.19 -22.98
C PRO B 98 9.77 21.16 -22.99
N THR B 99 9.44 21.71 -21.84
CA THR B 99 8.31 22.54 -21.66
C THR B 99 8.18 23.67 -22.71
N ALA B 100 9.27 24.39 -22.98
CA ALA B 100 9.24 25.53 -23.89
C ALA B 100 8.91 25.11 -25.33
N GLU B 101 9.14 23.83 -25.64
CA GLU B 101 8.75 23.30 -26.96
C GLU B 101 7.48 22.43 -26.98
N THR B 102 6.83 22.31 -25.82
CA THR B 102 5.63 21.45 -25.75
C THR B 102 4.48 22.17 -26.36
N THR B 103 3.75 21.52 -27.27
CA THR B 103 2.65 22.22 -28.02
C THR B 103 1.35 22.23 -27.23
N ASP B 104 0.44 23.11 -27.63
CA ASP B 104 -0.94 23.15 -27.10
C ASP B 104 -1.58 21.77 -27.25
N ALA B 105 -1.38 21.15 -28.40
CA ALA B 105 -2.06 19.85 -28.67
C ALA B 105 -1.54 18.74 -27.69
N GLN B 106 -0.21 18.69 -27.49
CA GLN B 106 0.41 17.82 -26.49
C GLN B 106 -0.13 18.02 -25.09
N TRP B 107 -0.08 19.25 -24.60
CA TRP B 107 -0.65 19.58 -23.32
C TRP B 107 -2.13 19.14 -23.22
N GLN B 108 -2.92 19.50 -24.22
CA GLN B 108 -4.37 19.23 -24.13
C GLN B 108 -4.73 17.75 -24.22
N ARG B 109 -3.94 17.01 -25.00
CA ARG B 109 -4.22 15.60 -25.17
C ARG B 109 -3.86 14.89 -23.88
N VAL B 110 -2.67 15.18 -23.32
CA VAL B 110 -2.21 14.40 -22.15
C VAL B 110 -3.08 14.76 -20.94
N ILE B 111 -3.41 16.03 -20.78
CA ILE B 111 -4.33 16.45 -19.70
C ILE B 111 -5.67 15.78 -19.87
N GLY B 112 -6.16 15.76 -21.11
CA GLY B 112 -7.48 15.20 -21.36
C GLY B 112 -7.61 13.73 -20.99
N ILE B 113 -6.62 12.97 -21.37
CA ILE B 113 -6.65 11.54 -21.08
C ILE B 113 -6.27 11.22 -19.67
N ASN B 114 -5.16 11.78 -19.21
CA ASN B 114 -4.62 11.35 -17.89
C ASN B 114 -5.18 12.08 -16.66
N LEU B 115 -5.89 13.18 -16.85
CA LEU B 115 -6.49 13.93 -15.78
C LEU B 115 -7.98 14.10 -15.95
N SER B 116 -8.42 14.83 -16.99
CA SER B 116 -9.87 14.96 -17.19
C SER B 116 -10.64 13.61 -17.34
N GLY B 117 -10.07 12.66 -18.08
CA GLY B 117 -10.70 11.36 -18.24
C GLY B 117 -10.86 10.63 -16.91
N VAL B 118 -9.90 10.83 -16.01
CA VAL B 118 -9.99 10.25 -14.69
C VAL B 118 -11.07 10.91 -13.86
N PHE B 119 -11.14 12.23 -13.86
CA PHE B 119 -12.24 12.93 -13.23
C PHE B 119 -13.60 12.46 -13.81
N TYR B 120 -13.77 12.47 -15.15
CA TYR B 120 -15.10 12.04 -15.73
C TYR B 120 -15.44 10.61 -15.29
N GLY B 121 -14.43 9.75 -15.26
CA GLY B 121 -14.63 8.35 -14.81
C GLY B 121 -15.01 8.31 -13.34
N VAL B 122 -14.25 8.97 -12.46
CA VAL B 122 -14.53 8.97 -11.05
C VAL B 122 -15.92 9.52 -10.80
N ARG B 123 -16.27 10.60 -11.50
CA ARG B 123 -17.62 11.14 -11.34
C ARG B 123 -18.75 10.13 -11.65
N ALA B 124 -18.62 9.44 -12.76
CA ALA B 124 -19.59 8.46 -13.22
C ALA B 124 -19.65 7.28 -12.25
N GLN B 125 -18.47 6.89 -11.78
CA GLN B 125 -18.33 5.69 -10.94
C GLN B 125 -18.93 5.93 -9.56
N ILE B 126 -18.64 7.11 -8.97
CA ILE B 126 -19.27 7.51 -7.74
C ILE B 126 -20.81 7.41 -7.85
N ARG B 127 -21.38 8.06 -8.85
CA ARG B 127 -22.83 8.05 -9.09
C ARG B 127 -23.37 6.61 -9.13
N ALA B 128 -22.73 5.74 -9.89
CA ALA B 128 -23.12 4.35 -10.00
C ALA B 128 -23.00 3.58 -8.69
N MET B 129 -21.89 3.77 -7.99
CA MET B 129 -21.65 3.04 -6.76
C MET B 129 -22.55 3.48 -5.65
N LEU B 130 -22.91 4.77 -5.63
CA LEU B 130 -23.85 5.27 -4.61
C LEU B 130 -25.25 4.59 -4.72
N GLU B 131 -25.61 4.13 -5.90
CA GLU B 131 -26.91 3.44 -6.13
C GLU B 131 -27.02 2.09 -5.40
N THR B 132 -25.89 1.43 -5.24
CA THR B 132 -25.85 0.10 -4.66
C THR B 132 -24.96 -0.05 -3.44
N GLY B 133 -24.80 1.02 -2.66
CA GLY B 133 -24.12 0.87 -1.37
C GLY B 133 -22.64 1.20 -1.29
N GLY B 134 -22.04 1.55 -2.41
CA GLY B 134 -20.68 2.05 -2.36
C GLY B 134 -19.78 1.10 -3.13
N GLY B 135 -18.47 1.31 -2.97
CA GLY B 135 -17.50 0.53 -3.64
C GLY B 135 -16.10 1.12 -3.49
N ALA B 136 -15.22 0.65 -4.36
CA ALA B 136 -13.81 1.00 -4.27
C ALA B 136 -13.29 1.43 -5.59
N ILE B 137 -12.51 2.52 -5.59
CA ILE B 137 -11.96 3.09 -6.82
C ILE B 137 -10.45 3.19 -6.62
N VAL B 138 -9.71 2.79 -7.64
CA VAL B 138 -8.28 2.93 -7.65
C VAL B 138 -7.90 3.72 -8.89
N ASN B 139 -7.21 4.82 -8.68
CA ASN B 139 -6.68 5.67 -9.78
C ASN B 139 -5.23 5.37 -9.99
N ILE B 140 -4.82 5.00 -11.17
CA ILE B 140 -3.44 4.81 -11.40
C ILE B 140 -2.76 6.17 -11.68
N SER B 141 -1.91 6.61 -10.75
CA SER B 141 -1.10 7.85 -10.96
C SER B 141 0.22 7.37 -11.51
N SER B 142 1.32 7.71 -10.82
CA SER B 142 2.68 7.46 -11.31
C SER B 142 3.64 7.96 -10.22
N ILE B 143 4.89 7.56 -10.30
CA ILE B 143 5.90 8.36 -9.65
C ILE B 143 5.83 9.81 -10.05
N ALA B 144 5.39 10.07 -11.27
CA ALA B 144 5.24 11.41 -11.79
C ALA B 144 4.11 12.23 -11.11
N GLY B 145 3.36 11.55 -10.19
CA GLY B 145 2.44 12.24 -9.30
C GLY B 145 3.08 12.77 -8.04
N GLN B 146 4.38 12.49 -7.86
CA GLN B 146 5.14 12.88 -6.63
C GLN B 146 6.46 13.60 -6.96
N ILE B 147 7.10 13.29 -8.06
CA ILE B 147 8.29 13.96 -8.55
C ILE B 147 8.10 14.39 -9.98
N GLY B 148 9.06 15.13 -10.50
CA GLY B 148 9.07 15.55 -11.92
C GLY B 148 9.92 14.62 -12.73
N ILE B 149 9.55 14.46 -13.98
CA ILE B 149 10.35 13.72 -14.96
C ILE B 149 10.52 14.67 -16.14
N GLU B 150 11.78 14.90 -16.50
CA GLU B 150 12.09 15.84 -17.55
C GLU B 150 11.42 15.36 -18.84
N GLY B 151 10.83 16.31 -19.54
CA GLY B 151 10.27 16.10 -20.86
C GLY B 151 8.79 15.76 -20.90
N ILE B 152 8.19 15.54 -19.72
CA ILE B 152 6.79 15.16 -19.65
C ILE B 152 6.05 16.05 -18.61
N THR B 153 6.17 17.35 -18.79
CA THR B 153 5.44 18.31 -18.01
C THR B 153 3.92 18.04 -17.98
N PRO B 154 3.27 17.86 -19.18
CA PRO B 154 1.88 17.59 -19.14
C PRO B 154 1.50 16.33 -18.31
N TYR B 155 2.23 15.26 -18.50
CA TYR B 155 1.95 14.02 -17.75
C TYR B 155 2.18 14.24 -16.19
N THR B 156 3.24 14.97 -15.83
CA THR B 156 3.58 15.22 -14.44
C THR B 156 2.42 16.01 -13.77
N ALA B 157 1.95 17.04 -14.50
CA ALA B 157 0.86 17.84 -14.07
C ALA B 157 -0.35 16.93 -13.88
N ALA B 158 -0.74 16.15 -14.92
CA ALA B 158 -1.88 15.28 -14.81
C ALA B 158 -1.77 14.31 -13.66
N LYS B 159 -0.63 13.68 -13.50
CA LYS B 159 -0.52 12.61 -12.53
C LYS B 159 -0.49 13.20 -11.11
N HIS B 160 0.05 14.40 -10.94
CA HIS B 160 -0.11 15.10 -9.64
C HIS B 160 -1.57 15.41 -9.41
N GLY B 161 -2.29 15.85 -10.49
CA GLY B 161 -3.68 16.16 -10.35
C GLY B 161 -4.53 14.96 -9.88
N VAL B 162 -4.16 13.78 -10.38
CA VAL B 162 -4.81 12.56 -9.95
C VAL B 162 -4.65 12.30 -8.46
N VAL B 163 -3.46 12.53 -7.93
CA VAL B 163 -3.21 12.32 -6.50
C VAL B 163 -4.09 13.26 -5.71
N GLY B 164 -4.28 14.51 -6.16
CA GLY B 164 -5.12 15.50 -5.49
C GLY B 164 -6.58 15.14 -5.49
N LEU B 165 -7.14 14.79 -6.66
N LEU B 165 -7.09 14.84 -6.70
CA LEU B 165 -8.58 14.51 -6.73
CA LEU B 165 -8.44 14.43 -6.88
C LEU B 165 -8.93 13.26 -5.94
C LEU B 165 -8.82 13.38 -5.85
N THR B 166 -7.97 12.35 -5.77
CA THR B 166 -8.19 11.21 -4.88
C THR B 166 -8.45 11.64 -3.43
N LYS B 167 -7.69 12.64 -2.95
CA LYS B 167 -7.80 13.15 -1.61
C LYS B 167 -9.17 13.79 -1.35
N THR B 168 -9.64 14.62 -2.29
N THR B 168 -9.64 14.66 -2.24
CA THR B 168 -10.90 15.30 -2.10
CA THR B 168 -10.92 15.33 -2.00
C THR B 168 -12.04 14.30 -2.08
C THR B 168 -12.12 14.35 -2.13
N VAL B 169 -12.08 13.46 -3.11
CA VAL B 169 -13.16 12.45 -3.26
C VAL B 169 -13.25 11.56 -2.01
N ALA B 170 -12.12 11.16 -1.47
CA ALA B 170 -12.10 10.36 -0.26
C ALA B 170 -12.85 11.00 0.89
N TRP B 171 -12.67 12.31 1.12
CA TRP B 171 -13.41 12.99 2.17
C TRP B 171 -14.84 13.20 1.81
N GLU B 172 -15.13 13.56 0.56
CA GLU B 172 -16.50 13.75 0.10
C GLU B 172 -17.41 12.52 0.28
N TYR B 173 -16.85 11.31 0.07
CA TYR B 173 -17.63 10.07 -0.03
C TYR B 173 -17.25 8.99 0.97
N GLY B 174 -16.43 9.32 1.95
CA GLY B 174 -15.95 8.40 2.89
C GLY B 174 -17.03 7.91 3.84
N SER B 175 -18.00 8.75 4.12
N SER B 175 -18.00 8.77 4.13
CA SER B 175 -19.11 8.30 4.92
CA SER B 175 -19.19 8.38 4.91
C SER B 175 -20.20 7.58 4.13
C SER B 175 -20.30 7.75 4.10
N LYS B 176 -20.10 7.59 2.81
CA LYS B 176 -21.12 7.05 1.94
C LYS B 176 -20.64 5.75 1.23
N GLY B 177 -19.68 5.05 1.85
CA GLY B 177 -19.30 3.74 1.40
C GLY B 177 -18.34 3.63 0.24
N ILE B 178 -17.70 4.73 -0.13
CA ILE B 178 -16.74 4.74 -1.17
C ILE B 178 -15.31 4.96 -0.63
N ARG B 179 -14.42 4.04 -1.00
CA ARG B 179 -12.97 4.22 -0.82
C ARG B 179 -12.34 4.54 -2.17
N ILE B 180 -11.34 5.41 -2.15
CA ILE B 180 -10.61 5.76 -3.37
C ILE B 180 -9.17 6.01 -2.99
N ASN B 181 -8.27 5.44 -3.81
CA ASN B 181 -6.83 5.61 -3.52
C ASN B 181 -6.11 5.69 -4.86
N SER B 182 -4.89 6.20 -4.82
CA SER B 182 -4.07 6.27 -5.97
C SER B 182 -2.89 5.32 -5.84
N VAL B 183 -2.44 4.86 -6.98
CA VAL B 183 -1.27 3.93 -7.10
C VAL B 183 -0.20 4.60 -7.93
N GLY B 184 1.04 4.55 -7.46
CA GLY B 184 2.12 5.18 -8.16
C GLY B 184 3.22 4.25 -8.71
N PRO B 185 3.00 3.70 -9.87
CA PRO B 185 4.06 2.84 -10.43
C PRO B 185 5.25 3.68 -10.82
N ALA B 186 6.42 3.05 -10.77
CA ALA B 186 7.59 3.59 -11.44
C ALA B 186 7.71 3.04 -12.83
N PHE B 187 8.93 2.81 -13.30
CA PHE B 187 9.02 2.29 -14.65
C PHE B 187 8.81 0.78 -14.66
N ILE B 188 7.88 0.41 -15.50
CA ILE B 188 7.31 -0.95 -15.58
C ILE B 188 7.61 -1.52 -16.97
N ASN B 189 7.94 -2.80 -16.98
N ASN B 189 7.95 -2.80 -17.01
CA ASN B 189 8.27 -3.53 -18.21
CA ASN B 189 8.43 -3.49 -18.22
C ASN B 189 7.05 -3.84 -19.04
C ASN B 189 7.26 -3.86 -19.20
N THR B 190 6.61 -2.83 -19.75
CA THR B 190 5.52 -2.92 -20.72
C THR B 190 6.19 -3.11 -22.07
N THR B 191 5.39 -3.38 -23.09
CA THR B 191 5.94 -3.42 -24.44
C THR B 191 6.67 -2.10 -24.83
N LEU B 192 6.04 -0.94 -24.58
CA LEU B 192 6.67 0.39 -24.86
C LEU B 192 8.06 0.48 -24.25
N VAL B 193 8.15 0.13 -22.97
CA VAL B 193 9.39 0.27 -22.27
C VAL B 193 10.40 -0.78 -22.73
N GLN B 194 9.90 -1.98 -23.04
CA GLN B 194 10.76 -3.07 -23.52
C GLN B 194 11.66 -2.77 -24.73
N ASN B 195 11.19 -1.90 -25.62
CA ASN B 195 11.92 -1.65 -26.85
C ASN B 195 13.10 -0.69 -26.69
N VAL B 196 13.14 0.12 -25.62
CA VAL B 196 14.24 1.10 -25.45
C VAL B 196 15.56 0.32 -25.24
N PRO B 197 16.70 0.90 -25.69
CA PRO B 197 18.07 0.35 -25.63
C PRO B 197 18.48 -0.25 -24.26
N LEU B 198 19.27 -1.35 -24.25
CA LEU B 198 19.69 -1.93 -22.93
C LEU B 198 20.35 -0.81 -22.10
N GLU B 199 21.03 0.13 -22.77
CA GLU B 199 21.61 1.28 -22.05
C GLU B 199 20.66 2.18 -21.34
N THR B 200 19.55 2.49 -22.02
CA THR B 200 18.57 3.45 -21.46
C THR B 200 17.75 2.81 -20.35
N ARG B 201 17.52 1.51 -20.48
CA ARG B 201 16.90 0.68 -19.45
C ARG B 201 17.79 0.48 -18.27
N ARG B 202 19.09 0.25 -18.54
CA ARG B 202 20.06 0.18 -17.47
C ARG B 202 19.99 1.55 -16.75
N GLN B 203 19.78 2.65 -17.46
CA GLN B 203 19.68 3.99 -16.76
C GLN B 203 18.40 4.13 -15.95
N LEU B 204 17.28 3.71 -16.55
CA LEU B 204 16.03 3.66 -15.77
C LEU B 204 16.16 2.68 -14.60
N GLU B 205 16.74 1.48 -14.79
CA GLU B 205 16.88 0.55 -13.66
C GLU B 205 17.61 1.08 -12.43
N GLN B 206 18.61 1.91 -12.72
CA GLN B 206 19.46 2.34 -11.67
C GLN B 206 18.77 3.41 -10.80
N MET B 207 17.64 3.88 -11.24
CA MET B 207 16.85 4.89 -10.52
C MET B 207 15.91 4.21 -9.52
N HIS B 208 15.90 2.89 -9.49
CA HIS B 208 15.10 2.12 -8.55
C HIS B 208 16.00 1.42 -7.54
N ALA B 209 15.63 1.36 -6.27
CA ALA B 209 16.45 0.74 -5.24
C ALA B 209 16.62 -0.72 -5.53
N LEU B 210 15.61 -1.36 -6.14
CA LEU B 210 15.72 -2.78 -6.53
C LEU B 210 16.57 -3.01 -7.77
N ARG B 211 16.99 -1.94 -8.43
CA ARG B 211 17.95 -2.00 -9.54
C ARG B 211 17.40 -2.89 -10.69
N ARG B 212 16.07 -2.75 -10.92
CA ARG B 212 15.37 -3.35 -12.01
C ARG B 212 14.08 -2.57 -12.24
N LEU B 213 13.43 -2.84 -13.34
CA LEU B 213 12.10 -2.31 -13.61
C LEU B 213 11.05 -3.23 -13.04
N GLY B 214 9.85 -2.69 -12.85
CA GLY B 214 8.75 -3.51 -12.26
C GLY B 214 8.06 -4.32 -13.39
N GLU B 215 7.28 -5.31 -12.99
CA GLU B 215 6.41 -6.08 -13.89
C GLU B 215 4.96 -5.66 -13.72
N THR B 216 4.15 -5.77 -14.78
CA THR B 216 2.79 -5.35 -14.67
C THR B 216 2.03 -6.09 -13.55
N GLU B 217 2.33 -7.35 -13.32
CA GLU B 217 1.65 -8.11 -12.25
C GLU B 217 1.97 -7.49 -10.88
N GLU B 218 3.15 -6.89 -10.70
CA GLU B 218 3.52 -6.28 -9.38
C GLU B 218 2.67 -5.08 -9.08
N VAL B 219 2.24 -4.37 -10.16
CA VAL B 219 1.32 -3.25 -10.02
C VAL B 219 -0.05 -3.82 -9.76
N ALA B 220 -0.50 -4.71 -10.63
CA ALA B 220 -1.86 -5.29 -10.49
C ALA B 220 -2.14 -5.95 -9.19
N ASN B 221 -1.13 -6.58 -8.60
CA ASN B 221 -1.37 -7.19 -7.27
C ASN B 221 -1.81 -6.16 -6.24
N LEU B 222 -1.13 -5.03 -6.24
CA LEU B 222 -1.47 -3.90 -5.36
C LEU B 222 -2.84 -3.33 -5.64
N VAL B 223 -3.14 -3.14 -6.92
CA VAL B 223 -4.44 -2.66 -7.32
C VAL B 223 -5.55 -3.61 -6.82
N ALA B 224 -5.36 -4.92 -6.98
CA ALA B 224 -6.35 -5.88 -6.55
C ALA B 224 -6.54 -5.81 -5.03
N TRP B 225 -5.44 -5.72 -4.28
CA TRP B 225 -5.56 -5.64 -2.84
C TRP B 225 -6.34 -4.39 -2.39
N LEU B 226 -6.00 -3.26 -3.00
CA LEU B 226 -6.64 -1.99 -2.68
C LEU B 226 -8.10 -1.98 -3.10
N SER B 227 -8.49 -2.84 -3.98
CA SER B 227 -9.87 -2.94 -4.47
C SER B 227 -10.71 -3.86 -3.65
N SER B 228 -10.07 -4.51 -2.70
CA SER B 228 -10.69 -5.58 -1.94
C SER B 228 -11.11 -5.15 -0.52
N ASP B 229 -11.90 -6.00 0.15
N ASP B 229 -11.87 -6.01 0.16
CA ASP B 229 -12.38 -5.67 1.50
CA ASP B 229 -12.37 -5.72 1.50
C ASP B 229 -11.25 -5.81 2.56
C ASP B 229 -11.24 -5.79 2.55
N LYS B 230 -10.10 -6.33 2.15
CA LYS B 230 -8.95 -6.35 3.05
C LYS B 230 -8.45 -4.89 3.36
N ALA B 231 -8.70 -4.00 2.39
CA ALA B 231 -8.27 -2.61 2.37
C ALA B 231 -9.31 -1.70 2.95
N SER B 232 -10.15 -2.28 3.81
CA SER B 232 -11.28 -1.51 4.28
C SER B 232 -10.97 -0.23 5.09
N PHE B 233 -9.75 -0.04 5.65
CA PHE B 233 -9.39 1.21 6.30
C PHE B 233 -8.47 2.09 5.47
N VAL B 234 -8.38 1.77 4.17
CA VAL B 234 -7.42 2.47 3.31
C VAL B 234 -8.17 3.36 2.33
N THR B 235 -8.01 4.69 2.48
CA THR B 235 -8.67 5.60 1.54
C THR B 235 -7.90 6.91 1.55
N GLY B 236 -8.03 7.65 0.46
CA GLY B 236 -7.44 8.95 0.31
C GLY B 236 -5.94 8.96 0.12
N SER B 237 -5.36 7.78 -0.17
CA SER B 237 -3.89 7.64 0.02
C SER B 237 -3.23 7.20 -1.27
N TYR B 238 -1.95 7.51 -1.34
CA TYR B 238 -1.08 7.15 -2.46
C TYR B 238 -0.22 5.96 -2.05
N TYR B 239 -0.26 4.93 -2.89
N TYR B 239 -0.25 4.95 -2.88
CA TYR B 239 0.47 3.67 -2.68
CA TYR B 239 0.44 3.73 -2.63
C TYR B 239 1.46 3.43 -3.77
C TYR B 239 1.43 3.62 -3.78
N ALA B 240 2.72 3.71 -3.48
CA ALA B 240 3.74 3.49 -4.48
C ALA B 240 3.90 2.02 -4.80
N VAL B 241 4.25 1.77 -6.06
CA VAL B 241 4.77 0.47 -6.46
C VAL B 241 5.95 0.83 -7.38
N ASP B 242 7.00 1.25 -6.70
CA ASP B 242 8.04 2.04 -7.37
C ASP B 242 9.43 1.53 -7.22
N GLY B 243 9.60 0.35 -6.58
CA GLY B 243 10.88 -0.25 -6.36
C GLY B 243 11.88 0.65 -5.65
N GLY B 244 11.37 1.59 -4.87
CA GLY B 244 12.22 2.53 -4.15
C GLY B 244 12.54 3.84 -4.88
N TYR B 245 11.97 4.11 -6.07
CA TYR B 245 12.33 5.30 -6.86
C TYR B 245 12.25 6.61 -6.07
N LEU B 246 11.20 6.77 -5.27
CA LEU B 246 10.94 8.05 -4.60
C LEU B 246 11.80 8.21 -3.30
N ALA B 247 12.42 7.15 -2.84
CA ALA B 247 13.06 7.11 -1.55
C ALA B 247 14.45 7.79 -1.56
N ARG B 248 14.96 8.17 -2.73
CA ARG B 248 16.20 8.95 -2.80
C ARG B 248 15.91 10.30 -3.40
S SO4 C . -1.26 6.61 16.88
O1 SO4 C . -1.05 7.66 17.83
O2 SO4 C . -1.96 5.55 17.55
O3 SO4 C . -0.03 6.15 16.22
O4 SO4 C . -2.19 7.21 15.84
MG MG D . -3.90 17.50 7.57
S SO4 E . 4.08 2.67 -20.69
O1 SO4 E . 4.81 3.94 -20.88
O2 SO4 E . 3.36 2.66 -19.44
O3 SO4 E . 4.96 1.55 -20.69
O4 SO4 E . 3.12 2.52 -21.80
N1 1PS F . 2.28 4.21 -16.83
C1 1PS F . 1.57 4.74 -15.78
C2 1PS F . 2.14 4.78 -14.46
C3 1PS F . 3.54 3.69 -16.62
C4 1PS F . 4.17 3.71 -15.37
C5 1PS F . 3.46 4.31 -14.30
C6 1PS F . 1.63 4.13 -18.16
C7 1PS F . 0.86 2.79 -18.25
C8 1PS F . -0.03 2.60 -19.51
S1 1PS F . -0.56 1.01 -19.84
O1 1PS F . -1.00 0.94 -21.31
O2 1PS F . -1.85 0.63 -19.08
O3 1PS F . 0.70 0.21 -19.44
MG MG G . 14.25 11.51 -5.45
C ACT H . -0.97 -9.92 -19.24
O ACT H . -0.99 -9.67 -18.02
OXT ACT H . -0.91 -9.04 -20.10
CH3 ACT H . -0.92 -11.33 -19.73
C ACT I . 5.76 6.46 -16.02
O ACT I . 4.62 6.71 -15.45
OXT ACT I . 5.71 6.33 -17.19
CH3 ACT I . 6.90 6.18 -15.16
C ACT J . 2.20 -1.60 -23.85
O ACT J . 3.16 -1.16 -24.42
OXT ACT J . 1.46 -0.89 -23.58
CH3 ACT J . 2.19 -2.92 -23.26
#